data_6QOO
#
_entry.id   6QOO
#
_cell.length_a   73.574
_cell.length_b   80.037
_cell.length_c   84.737
_cell.angle_alpha   90.000
_cell.angle_beta   90.000
_cell.angle_gamma   90.000
#
_symmetry.space_group_name_H-M   'P 21 21 21'
#
loop_
_entity.id
_entity.type
_entity.pdbx_description
1 polymer 'tRNA (guanine-N(1)-)-methyltransferase'
2 non-polymer 1,2-oxazole-5-carbothioamide
3 non-polymer 'SULFATE ION'
4 water water
#
_entity_poly.entity_id   1
_entity_poly.type   'polypeptide(L)'
_entity_poly.pdbx_seq_one_letter_code
;GSMKIDVVTIFPEYLQPVRQSLPGKAIDAGLVDVAVHDLRRWTHDVHKSVDDSPYGGGPGMVMKPTVWGDALDEICTSET
LLVVPTPAGYPFTQETAWQWSTEDHLVIACGRYEGIDQRVADDAATRMRVREVSIGDYVLNGGEAAALVIIEAVLRLVPG
VLGNALSAQEDSHSEGMASLLEGPSYTRPPSWRGMDVPPVLLSGDHAKIAAWRAEQSRQRTIERRPDLLGFDSPTGEHGG
DGLS
;
_entity_poly.pdbx_strand_id   A,B
#
loop_
_chem_comp.id
_chem_comp.type
_chem_comp.name
_chem_comp.formula
JAB non-polymer 1,2-oxazole-5-carbothioamide 'C4 H4 N2 O S'
SO4 non-polymer 'SULFATE ION' 'O4 S -2'
#
# COMPACT_ATOMS: atom_id res chain seq x y z
N SER A 2 13.12 13.63 -17.98
CA SER A 2 12.21 13.71 -16.84
C SER A 2 11.34 12.44 -16.79
N MET A 3 10.46 12.34 -15.78
CA MET A 3 9.51 11.23 -15.72
C MET A 3 8.08 11.72 -15.80
N LYS A 4 7.29 11.07 -16.65
CA LYS A 4 5.86 11.37 -16.73
C LYS A 4 5.03 10.22 -16.14
N ILE A 5 4.10 10.56 -15.24
CA ILE A 5 3.19 9.57 -14.67
C ILE A 5 1.74 9.98 -14.87
N ASP A 6 1.02 9.19 -15.65
CA ASP A 6 -0.42 9.43 -15.79
C ASP A 6 -1.16 8.42 -14.95
N VAL A 7 -2.12 8.88 -14.15
CA VAL A 7 -2.93 7.99 -13.34
C VAL A 7 -4.37 8.07 -13.83
N VAL A 8 -5.00 6.92 -14.08
CA VAL A 8 -6.39 6.90 -14.53
C VAL A 8 -7.25 6.19 -13.50
N THR A 9 -8.34 6.85 -13.10
CA THR A 9 -9.12 6.47 -11.95
C THR A 9 -10.50 7.13 -12.01
N ILE A 10 -11.51 6.51 -11.41
CA ILE A 10 -12.80 7.18 -11.18
C ILE A 10 -12.81 7.91 -9.85
N PHE A 11 -11.68 7.89 -9.12
CA PHE A 11 -11.55 8.68 -7.90
C PHE A 11 -10.42 9.71 -7.99
N PRO A 12 -10.54 10.67 -8.92
CA PRO A 12 -9.40 11.59 -9.10
C PRO A 12 -9.13 12.50 -7.90
N GLU A 13 -10.15 12.85 -7.12
CA GLU A 13 -9.93 13.68 -5.94
C GLU A 13 -9.00 12.96 -4.97
N TYR A 14 -9.33 11.71 -4.68
CA TYR A 14 -8.57 10.86 -3.76
C TYR A 14 -7.09 10.78 -4.15
N LEU A 15 -6.80 10.86 -5.45
CA LEU A 15 -5.43 10.71 -5.92
C LEU A 15 -4.76 12.03 -6.30
N GLN A 16 -5.50 13.13 -6.20
CA GLN A 16 -4.93 14.45 -6.43
C GLN A 16 -3.68 14.63 -5.58
N PRO A 17 -2.57 14.99 -6.22
CA PRO A 17 -1.31 15.14 -5.47
C PRO A 17 -1.43 16.23 -4.42
N VAL A 18 -0.83 16.02 -3.26
CA VAL A 18 -0.85 16.99 -2.18
C VAL A 18 0.56 17.57 -2.01
N ARG A 19 0.64 18.90 -1.92
CA ARG A 19 1.93 19.59 -1.82
C ARG A 19 2.74 19.08 -0.63
N GLN A 20 2.13 19.09 0.55
CA GLN A 20 2.78 18.58 1.76
C GLN A 20 2.86 17.04 1.75
N SER A 21 3.72 16.50 0.89
CA SER A 21 4.01 15.07 0.84
C SER A 21 5.28 14.86 0.02
N LEU A 22 5.79 13.63 -0.02
CA LEU A 22 6.92 13.36 -0.90
C LEU A 22 6.56 13.60 -2.37
N PRO A 23 5.45 13.00 -2.86
CA PRO A 23 5.17 13.23 -4.28
C PRO A 23 4.95 14.71 -4.59
N GLY A 24 4.43 15.46 -3.61
CA GLY A 24 4.26 16.90 -3.76
C GLY A 24 5.56 17.64 -3.97
N LYS A 25 6.63 17.13 -3.38
CA LYS A 25 7.95 17.76 -3.53
C LYS A 25 8.43 17.63 -4.98
N ALA A 26 7.85 16.66 -5.70
CA ALA A 26 7.91 16.50 -7.17
C ALA A 26 9.17 17.06 -7.83
N VAL A 32 9.89 15.41 -13.61
CA VAL A 32 8.83 14.65 -12.96
C VAL A 32 7.47 15.33 -13.03
N ASP A 33 6.53 14.65 -13.70
CA ASP A 33 5.19 15.21 -13.92
C ASP A 33 4.11 14.17 -13.67
N VAL A 34 3.14 14.51 -12.83
CA VAL A 34 2.08 13.59 -12.46
C VAL A 34 0.71 14.15 -12.83
N ALA A 35 0.02 13.46 -13.73
CA ALA A 35 -1.31 13.88 -14.14
C ALA A 35 -2.35 12.83 -13.77
N VAL A 36 -3.45 13.30 -13.20
CA VAL A 36 -4.55 12.41 -12.84
C VAL A 36 -5.72 12.63 -13.78
N HIS A 37 -6.20 11.53 -14.39
CA HIS A 37 -7.30 11.61 -15.34
C HIS A 37 -8.52 10.87 -14.82
N ASP A 38 -9.68 11.49 -14.96
CA ASP A 38 -10.94 10.89 -14.55
C ASP A 38 -11.38 9.91 -15.63
N LEU A 39 -11.45 8.62 -15.29
CA LEU A 39 -11.85 7.60 -16.27
C LEU A 39 -13.20 7.92 -16.92
N ARG A 40 -14.06 8.63 -16.21
CA ARG A 40 -15.40 8.93 -16.74
C ARG A 40 -15.34 9.80 -17.99
N ARG A 41 -14.19 10.44 -18.22
CA ARG A 41 -13.97 11.25 -19.43
C ARG A 41 -14.08 10.44 -20.73
N TRP A 42 -13.90 9.13 -20.63
CA TRP A 42 -13.95 8.25 -21.80
C TRP A 42 -15.20 7.36 -21.83
N THR A 43 -16.19 7.66 -20.99
CA THR A 43 -17.40 6.86 -21.01
C THR A 43 -18.27 7.30 -22.18
N HIS A 44 -19.19 6.44 -22.62
CA HIS A 44 -19.89 6.66 -23.87
C HIS A 44 -21.33 7.13 -23.66
N ASP A 45 -21.85 6.85 -22.48
CA ASP A 45 -23.26 7.07 -22.18
C ASP A 45 -23.44 8.19 -21.17
N VAL A 46 -24.63 8.74 -21.14
CA VAL A 46 -24.92 9.84 -20.23
C VAL A 46 -24.76 9.41 -18.76
N HIS A 47 -25.03 8.15 -18.47
CA HIS A 47 -24.85 7.62 -17.11
C HIS A 47 -23.38 7.47 -16.69
N LYS A 48 -22.47 7.68 -17.63
CA LYS A 48 -21.03 7.59 -17.38
C LYS A 48 -20.63 6.24 -16.78
N SER A 49 -21.16 5.17 -17.39
CA SER A 49 -20.91 3.81 -16.93
C SER A 49 -19.47 3.34 -17.16
N VAL A 50 -18.81 2.89 -16.09
CA VAL A 50 -17.45 2.36 -16.22
C VAL A 50 -17.37 0.88 -15.89
N ASP A 51 -18.44 0.28 -15.39
CA ASP A 51 -18.40 -1.17 -15.25
C ASP A 51 -19.74 -1.83 -15.54
N ASP A 52 -19.75 -3.16 -15.49
CA ASP A 52 -20.88 -3.95 -15.98
C ASP A 52 -20.78 -5.35 -15.37
N SER A 53 -21.86 -6.12 -15.45
CA SER A 53 -21.92 -7.45 -14.82
C SER A 53 -20.94 -8.43 -15.44
N PRO A 54 -20.31 -9.27 -14.60
CA PRO A 54 -19.33 -10.22 -15.13
C PRO A 54 -19.98 -11.32 -15.95
N TYR A 55 -19.41 -11.61 -17.12
CA TYR A 55 -19.81 -12.79 -17.87
C TYR A 55 -19.58 -14.03 -17.03
N GLY A 56 -20.54 -14.94 -17.04
CA GLY A 56 -20.38 -16.17 -16.29
C GLY A 56 -20.99 -16.03 -14.91
N GLY A 57 -21.42 -14.82 -14.59
CA GLY A 57 -22.11 -14.56 -13.34
C GLY A 57 -21.15 -14.34 -12.19
N GLY A 58 -21.69 -14.23 -10.99
CA GLY A 58 -20.87 -13.97 -9.82
C GLY A 58 -21.08 -12.57 -9.32
N PRO A 59 -20.52 -12.25 -8.14
CA PRO A 59 -20.71 -10.97 -7.47
C PRO A 59 -19.78 -9.88 -7.97
N GLY A 60 -20.13 -8.64 -7.67
CA GLY A 60 -19.33 -7.49 -8.06
C GLY A 60 -19.53 -7.14 -9.53
N MET A 61 -18.63 -6.31 -10.03
CA MET A 61 -18.69 -5.84 -11.41
C MET A 61 -17.29 -5.93 -12.02
N VAL A 62 -17.24 -5.80 -13.34
CA VAL A 62 -16.01 -5.85 -14.11
C VAL A 62 -15.94 -4.55 -14.90
N MET A 63 -14.79 -3.89 -14.96
CA MET A 63 -14.69 -2.60 -15.67
C MET A 63 -14.76 -2.78 -17.19
N LYS A 64 -15.49 -1.90 -17.87
CA LYS A 64 -15.80 -2.06 -19.30
C LYS A 64 -14.58 -1.90 -20.21
N PRO A 65 -14.41 -2.80 -21.19
CA PRO A 65 -13.22 -2.66 -22.04
C PRO A 65 -13.31 -1.47 -23.01
N THR A 66 -14.51 -1.14 -23.48
CA THR A 66 -14.64 -0.05 -24.43
C THR A 66 -14.21 1.28 -23.80
N VAL A 67 -14.51 1.45 -22.52
CA VAL A 67 -14.11 2.67 -21.82
C VAL A 67 -12.60 2.72 -21.60
N TRP A 68 -12.04 1.67 -21.00
CA TRP A 68 -10.61 1.61 -20.77
C TRP A 68 -9.80 1.63 -22.07
N GLY A 69 -10.29 0.93 -23.10
CA GLY A 69 -9.60 0.92 -24.38
C GLY A 69 -9.40 2.32 -24.96
N ASP A 70 -10.42 3.17 -24.85
CA ASP A 70 -10.32 4.56 -25.31
C ASP A 70 -9.36 5.37 -24.47
N ALA A 71 -9.45 5.19 -23.15
CA ALA A 71 -8.62 5.96 -22.25
C ALA A 71 -7.16 5.68 -22.54
N LEU A 72 -6.83 4.40 -22.65
CA LEU A 72 -5.45 3.96 -22.93
C LEU A 72 -4.98 4.33 -24.33
N ASP A 73 -5.86 4.26 -25.32
CA ASP A 73 -5.52 4.72 -26.68
C ASP A 73 -5.07 6.18 -26.67
N GLU A 74 -5.70 6.98 -25.83
CA GLU A 74 -5.39 8.41 -25.78
C GLU A 74 -4.12 8.70 -24.98
N ILE A 75 -3.92 8.01 -23.86
CA ILE A 75 -2.87 8.39 -22.93
C ILE A 75 -1.53 7.67 -23.18
N CYS A 76 -1.62 6.42 -23.64
CA CYS A 76 -0.43 5.60 -23.83
C CYS A 76 0.25 5.80 -25.16
N THR A 77 1.55 5.57 -25.17
CA THR A 77 2.32 5.51 -26.40
C THR A 77 3.12 4.21 -26.42
N SER A 78 3.90 4.02 -27.47
CA SER A 78 4.71 2.82 -27.61
C SER A 78 5.74 2.68 -26.48
N GLU A 79 6.18 3.80 -25.90
CA GLU A 79 7.21 3.77 -24.87
C GLU A 79 6.62 3.61 -23.47
N THR A 80 5.29 3.61 -23.39
CA THR A 80 4.61 3.55 -22.10
C THR A 80 4.78 2.23 -21.39
N LEU A 81 5.02 2.29 -20.08
CA LEU A 81 4.90 1.12 -19.24
C LEU A 81 3.56 1.19 -18.52
N LEU A 82 2.66 0.28 -18.89
CA LEU A 82 1.32 0.28 -18.33
C LEU A 82 1.28 -0.55 -17.05
N VAL A 83 0.97 0.11 -15.93
CA VAL A 83 0.94 -0.53 -14.62
C VAL A 83 -0.49 -0.75 -14.19
N VAL A 84 -0.84 -1.98 -13.83
CA VAL A 84 -2.21 -2.31 -13.42
C VAL A 84 -2.21 -2.93 -12.03
N PRO A 85 -2.54 -2.16 -10.99
CA PRO A 85 -2.54 -2.77 -9.65
C PRO A 85 -3.73 -3.72 -9.47
N THR A 86 -3.59 -4.86 -8.94
CA THR A 86 -4.48 -5.99 -8.83
C THR A 86 -3.85 -7.02 -7.91
N PRO A 87 -4.92 -7.48 -7.02
CA PRO A 87 -4.48 -8.52 -6.08
C PRO A 87 -4.10 -9.81 -6.79
N ALA A 88 -4.40 -9.92 -8.09
CA ALA A 88 -4.00 -11.10 -8.86
C ALA A 88 -2.67 -10.91 -9.60
N GLY A 89 -1.92 -9.87 -9.27
CA GLY A 89 -0.75 -9.50 -10.05
C GLY A 89 0.53 -10.20 -9.61
N TYR A 90 1.59 -10.02 -10.40
CA TYR A 90 2.92 -10.41 -9.96
C TYR A 90 3.27 -9.52 -8.79
N PRO A 91 4.11 -10.00 -7.87
CA PRO A 91 4.38 -9.11 -6.73
C PRO A 91 5.20 -7.87 -7.11
N PHE A 92 4.78 -6.72 -6.58
CA PHE A 92 5.54 -5.49 -6.67
C PHE A 92 6.56 -5.44 -5.53
N THR A 93 7.85 -5.36 -5.85
CA THR A 93 8.89 -5.35 -4.83
C THR A 93 9.86 -4.20 -5.02
N GLN A 94 10.84 -4.10 -4.13
CA GLN A 94 11.85 -3.05 -4.25
C GLN A 94 12.55 -3.14 -5.60
N GLU A 95 12.80 -4.35 -6.06
CA GLU A 95 13.49 -4.54 -7.34
C GLU A 95 12.65 -3.94 -8.48
N THR A 96 11.34 -4.12 -8.40
CA THR A 96 10.42 -3.53 -9.39
C THR A 96 10.49 -2.01 -9.37
N ALA A 97 10.43 -1.44 -8.17
CA ALA A 97 10.48 0.01 -8.02
C ALA A 97 11.76 0.57 -8.62
N TRP A 98 12.87 -0.12 -8.41
CA TRP A 98 14.15 0.30 -9.01
C TRP A 98 14.08 0.29 -10.52
N GLN A 99 13.59 -0.81 -11.08
CA GLN A 99 13.43 -0.88 -12.52
C GLN A 99 12.57 0.26 -13.05
N TRP A 100 11.41 0.47 -12.45
CA TRP A 100 10.48 1.45 -12.98
C TRP A 100 10.97 2.87 -12.77
N SER A 101 11.93 3.05 -11.86
CA SER A 101 12.43 4.39 -11.54
C SER A 101 13.09 5.07 -12.73
N THR A 102 13.52 4.28 -13.71
CA THR A 102 14.21 4.84 -14.88
C THR A 102 13.32 4.85 -16.12
N GLU A 103 12.03 4.57 -15.94
CA GLU A 103 11.07 4.63 -17.04
C GLU A 103 10.72 6.08 -17.36
N ASP A 104 10.52 6.38 -18.64
CA ASP A 104 10.13 7.74 -19.05
C ASP A 104 8.62 8.00 -18.88
N HIS A 105 7.81 6.95 -19.05
CA HIS A 105 6.36 7.14 -18.98
C HIS A 105 5.69 5.97 -18.33
N LEU A 106 5.16 6.19 -17.14
CA LEU A 106 4.31 5.21 -16.47
C LEU A 106 2.86 5.62 -16.62
N VAL A 107 2.00 4.64 -16.91
CA VAL A 107 0.57 4.88 -16.84
C VAL A 107 -0.02 3.87 -15.87
N ILE A 108 -0.65 4.36 -14.82
CA ILE A 108 -1.23 3.47 -13.82
C ILE A 108 -2.75 3.43 -13.95
N ALA A 109 -3.26 2.25 -14.29
CA ALA A 109 -4.69 2.06 -14.50
C ALA A 109 -5.32 1.53 -13.23
N CYS A 110 -6.03 2.40 -12.52
CA CYS A 110 -6.66 2.04 -11.26
C CYS A 110 -8.06 1.51 -11.48
N GLY A 111 -8.28 0.24 -11.16
CA GLY A 111 -9.62 -0.32 -11.29
C GLY A 111 -10.10 -1.02 -10.04
N ARG A 112 -11.38 -1.37 -10.00
CA ARG A 112 -11.90 -2.13 -8.86
C ARG A 112 -11.25 -3.52 -8.82
N TYR A 113 -11.21 -4.14 -7.65
CA TYR A 113 -10.37 -5.33 -7.49
C TYR A 113 -10.91 -6.55 -8.25
N GLU A 114 -12.22 -6.58 -8.52
CA GLU A 114 -12.80 -7.67 -9.30
C GLU A 114 -12.18 -7.68 -10.68
N GLY A 115 -11.80 -6.50 -11.15
CA GLY A 115 -10.96 -6.41 -12.32
C GLY A 115 -11.44 -5.58 -13.49
N ILE A 116 -10.50 -5.31 -14.37
CA ILE A 116 -10.76 -4.71 -15.66
C ILE A 116 -10.88 -5.87 -16.62
N ASP A 117 -11.85 -5.83 -17.53
CA ASP A 117 -11.98 -6.85 -18.56
C ASP A 117 -10.60 -7.23 -19.10
N GLN A 118 -10.30 -8.53 -19.11
CA GLN A 118 -8.94 -8.96 -19.39
C GLN A 118 -8.48 -8.56 -20.79
N ARG A 119 -9.42 -8.36 -21.70
CA ARG A 119 -9.02 -8.01 -23.07
C ARG A 119 -8.30 -6.68 -23.15
N VAL A 120 -8.52 -5.82 -22.16
CA VAL A 120 -7.88 -4.50 -22.16
C VAL A 120 -6.37 -4.65 -22.04
N ALA A 121 -5.94 -5.42 -21.05
CA ALA A 121 -4.53 -5.70 -20.85
C ALA A 121 -3.96 -6.52 -21.99
N ASP A 122 -4.71 -7.52 -22.47
CA ASP A 122 -4.23 -8.37 -23.56
C ASP A 122 -3.96 -7.54 -24.81
N ASP A 123 -4.94 -6.74 -25.18
CA ASP A 123 -4.81 -5.83 -26.34
C ASP A 123 -3.66 -4.85 -26.18
N ALA A 124 -3.60 -4.17 -25.04
CA ALA A 124 -2.52 -3.21 -24.80
C ALA A 124 -1.15 -3.88 -24.93
N ALA A 125 -1.04 -5.10 -24.44
CA ALA A 125 0.25 -5.78 -24.43
C ALA A 125 0.77 -6.07 -25.84
N THR A 126 -0.07 -5.89 -26.86
CA THR A 126 0.39 -6.13 -28.23
C THR A 126 1.08 -4.88 -28.79
N ARG A 127 1.03 -3.77 -28.08
CA ARG A 127 1.78 -2.61 -28.57
C ARG A 127 2.52 -1.84 -27.47
N MET A 128 2.46 -2.32 -26.24
CA MET A 128 3.24 -1.70 -25.17
C MET A 128 3.52 -2.72 -24.09
N ARG A 129 4.39 -2.36 -23.15
CA ARG A 129 4.69 -3.25 -22.03
C ARG A 129 3.66 -3.07 -20.93
N VAL A 130 3.13 -4.19 -20.44
CA VAL A 130 2.07 -4.17 -19.44
C VAL A 130 2.50 -4.98 -18.21
N ARG A 131 2.30 -4.42 -17.02
CA ARG A 131 2.67 -5.11 -15.77
C ARG A 131 1.51 -5.07 -14.79
N GLU A 132 0.86 -6.21 -14.60
CA GLU A 132 -0.16 -6.37 -13.57
C GLU A 132 0.54 -6.79 -12.29
N VAL A 133 0.39 -6.00 -11.23
CA VAL A 133 1.19 -6.22 -10.02
C VAL A 133 0.34 -6.06 -8.78
N SER A 134 0.71 -6.79 -7.74
CA SER A 134 0.07 -6.67 -6.43
CA SER A 134 0.06 -6.65 -6.44
C SER A 134 1.06 -6.09 -5.44
N ILE A 135 0.63 -5.12 -4.65
CA ILE A 135 1.54 -4.57 -3.63
C ILE A 135 1.51 -5.36 -2.30
N GLY A 136 0.65 -6.37 -2.22
CA GLY A 136 0.59 -7.21 -1.02
C GLY A 136 -0.62 -8.12 -1.03
N ASP A 137 -0.67 -9.06 -0.08
CA ASP A 137 -1.71 -10.07 -0.07
C ASP A 137 -2.90 -9.66 0.78
N TYR A 138 -3.65 -8.72 0.22
CA TYR A 138 -4.85 -8.21 0.84
C TYR A 138 -5.64 -7.58 -0.29
N VAL A 139 -6.94 -7.47 -0.08
CA VAL A 139 -7.81 -6.86 -1.06
C VAL A 139 -8.19 -5.46 -0.63
N LEU A 140 -8.17 -4.55 -1.60
CA LEU A 140 -8.69 -3.19 -1.48
C LEU A 140 -9.88 -3.08 -2.44
N ASN A 141 -10.78 -2.13 -2.22
CA ASN A 141 -11.91 -1.96 -3.12
C ASN A 141 -11.44 -1.66 -4.55
N GLY A 142 -10.34 -0.92 -4.65
CA GLY A 142 -9.80 -0.54 -5.95
C GLY A 142 -8.30 -0.34 -5.84
N GLY A 143 -7.66 -0.12 -6.99
CA GLY A 143 -6.22 0.01 -7.06
C GLY A 143 -5.68 1.37 -6.66
N GLU A 144 -6.56 2.28 -6.23
CA GLU A 144 -6.15 3.66 -5.95
C GLU A 144 -5.07 3.77 -4.87
N ALA A 145 -5.30 3.20 -3.70
CA ALA A 145 -4.28 3.26 -2.64
C ALA A 145 -2.97 2.59 -3.08
N ALA A 146 -3.08 1.53 -3.89
CA ALA A 146 -1.90 0.81 -4.35
C ALA A 146 -1.11 1.67 -5.31
N ALA A 147 -1.83 2.49 -6.10
CA ALA A 147 -1.18 3.44 -6.97
C ALA A 147 -0.36 4.45 -6.19
N LEU A 148 -0.88 4.91 -5.05
CA LEU A 148 -0.15 5.86 -4.22
C LEU A 148 1.15 5.21 -3.72
N VAL A 149 1.04 3.97 -3.26
CA VAL A 149 2.21 3.26 -2.74
C VAL A 149 3.26 3.08 -3.83
N ILE A 150 2.83 2.61 -4.99
CA ILE A 150 3.75 2.44 -6.12
C ILE A 150 4.43 3.77 -6.47
N ILE A 151 3.66 4.84 -6.51
CA ILE A 151 4.23 6.15 -6.85
C ILE A 151 5.23 6.61 -5.77
N GLU A 152 4.87 6.40 -4.51
CA GLU A 152 5.74 6.69 -3.38
C GLU A 152 7.08 5.89 -3.48
N ALA A 153 6.99 4.59 -3.76
CA ALA A 153 8.17 3.72 -3.82
C ALA A 153 9.06 3.99 -5.04
N VAL A 154 8.44 4.34 -6.16
CA VAL A 154 9.23 4.62 -7.36
C VAL A 154 9.86 6.02 -7.31
N LEU A 155 9.09 7.04 -6.96
CA LEU A 155 9.59 8.42 -7.07
C LEU A 155 10.73 8.73 -6.11
N ARG A 156 10.76 8.09 -4.95
CA ARG A 156 11.83 8.34 -3.99
C ARG A 156 13.14 7.75 -4.49
N LEU A 157 13.08 6.96 -5.56
CA LEU A 157 14.27 6.39 -6.17
C LEU A 157 14.78 7.22 -7.36
N VAL A 158 13.96 8.16 -7.81
CA VAL A 158 14.39 9.02 -8.90
C VAL A 158 15.29 10.09 -8.33
N PRO A 159 16.51 10.18 -8.86
CA PRO A 159 17.45 11.17 -8.33
C PRO A 159 16.87 12.57 -8.51
N GLY A 160 16.85 13.38 -7.47
CA GLY A 160 16.33 14.73 -7.60
C GLY A 160 14.84 14.83 -7.36
N VAL A 161 14.25 13.75 -6.89
CA VAL A 161 12.88 13.76 -6.39
C VAL A 161 12.93 13.28 -4.95
N LEU A 162 14.05 13.58 -4.29
CA LEU A 162 14.27 13.17 -2.90
C LEU A 162 14.38 14.38 -1.97
N SER A 179 17.80 -10.24 1.77
CA SER A 179 18.60 -9.59 2.80
C SER A 179 17.95 -9.79 4.17
N LEU A 180 18.20 -8.85 5.09
CA LEU A 180 17.68 -8.93 6.44
C LEU A 180 16.87 -7.67 6.74
N LEU A 181 16.05 -7.69 7.79
CA LEU A 181 15.33 -6.49 8.24
C LEU A 181 16.28 -5.52 8.94
N GLU A 182 16.00 -4.22 8.85
CA GLU A 182 16.72 -3.20 9.63
C GLU A 182 16.37 -3.36 11.11
N GLY A 183 17.37 -3.29 11.99
CA GLY A 183 17.15 -3.38 13.43
C GLY A 183 16.61 -2.08 14.00
N PRO A 184 16.49 -1.99 15.33
CA PRO A 184 15.96 -0.81 16.00
C PRO A 184 16.88 0.40 15.84
N SER A 185 16.30 1.59 15.85
CA SER A 185 17.07 2.83 15.77
CA SER A 185 17.09 2.82 15.79
C SER A 185 16.78 3.69 16.99
N TYR A 186 17.72 4.56 17.34
CA TYR A 186 17.59 5.41 18.51
C TYR A 186 18.15 6.78 18.26
N THR A 187 17.63 7.76 18.98
CA THR A 187 18.24 9.08 19.01
C THR A 187 18.07 9.68 20.41
N ARG A 188 18.45 10.94 20.59
CA ARG A 188 18.39 11.60 21.89
C ARG A 188 16.97 11.69 22.45
N PRO A 189 16.82 11.68 23.78
CA PRO A 189 17.87 11.62 24.81
C PRO A 189 18.37 10.19 25.11
N PRO A 190 19.57 10.05 25.71
CA PRO A 190 20.13 8.71 25.94
C PRO A 190 19.30 7.88 26.94
N SER A 191 18.53 8.54 27.82
CA SER A 191 17.62 7.86 28.72
CA SER A 191 17.61 7.87 28.74
C SER A 191 16.23 8.49 28.64
N TRP A 192 15.21 7.65 28.44
CA TRP A 192 13.83 8.12 28.26
C TRP A 192 12.83 7.12 28.83
N ARG A 193 12.00 7.60 29.75
CA ARG A 193 11.02 6.79 30.45
C ARG A 193 11.59 5.44 30.88
N GLY A 194 12.76 5.48 31.51
CA GLY A 194 13.37 4.30 32.08
C GLY A 194 14.17 3.42 31.13
N MET A 195 14.21 3.81 29.85
CA MET A 195 14.90 3.02 28.84
C MET A 195 16.13 3.74 28.29
N ASP A 196 17.26 3.04 28.31
CA ASP A 196 18.52 3.60 27.86
C ASP A 196 18.84 3.14 26.44
N VAL A 197 19.41 4.04 25.66
CA VAL A 197 19.97 3.65 24.38
C VAL A 197 21.04 2.60 24.62
N PRO A 198 21.05 1.50 23.83
CA PRO A 198 22.10 0.48 23.98
C PRO A 198 23.50 1.10 24.01
N PRO A 199 24.25 0.89 25.10
CA PRO A 199 25.52 1.58 25.28
C PRO A 199 26.49 1.37 24.13
N VAL A 200 26.38 0.27 23.39
CA VAL A 200 27.34 0.00 22.31
C VAL A 200 27.29 1.15 21.29
N LEU A 201 26.11 1.74 21.12
CA LEU A 201 25.89 2.78 20.12
C LEU A 201 26.65 4.07 20.45
N LEU A 202 26.96 4.27 21.72
CA LEU A 202 27.72 5.46 22.12
C LEU A 202 29.19 5.16 22.38
N SER A 203 29.62 3.96 21.98
CA SER A 203 30.95 3.46 22.32
C SER A 203 32.09 4.01 21.44
N GLY A 204 31.77 4.50 20.25
CA GLY A 204 32.82 4.92 19.33
C GLY A 204 33.62 3.77 18.74
N ASP A 205 33.10 2.55 18.87
CA ASP A 205 33.74 1.37 18.28
C ASP A 205 32.88 0.98 17.09
N HIS A 206 33.21 1.51 15.92
CA HIS A 206 32.25 1.43 14.82
C HIS A 206 32.20 0.05 14.17
N ALA A 207 33.29 -0.72 14.24
CA ALA A 207 33.20 -2.11 13.79
C ALA A 207 32.31 -2.94 14.73
N LYS A 208 32.42 -2.71 16.03
CA LYS A 208 31.53 -3.39 16.98
C LYS A 208 30.07 -3.00 16.79
N ILE A 209 29.84 -1.72 16.51
CA ILE A 209 28.48 -1.24 16.31
C ILE A 209 27.87 -1.94 15.09
N ALA A 210 28.64 -2.06 14.03
CA ALA A 210 28.16 -2.76 12.83
C ALA A 210 27.80 -4.21 13.15
N ALA A 211 28.62 -4.89 13.95
CA ALA A 211 28.36 -6.29 14.30
C ALA A 211 27.12 -6.38 15.19
N TRP A 212 26.98 -5.45 16.12
CA TRP A 212 25.80 -5.42 16.98
C TRP A 212 24.53 -5.25 16.13
N ARG A 213 24.59 -4.35 15.14
CA ARG A 213 23.44 -4.10 14.29
C ARG A 213 23.08 -5.30 13.41
N ALA A 214 24.10 -5.99 12.92
CA ALA A 214 23.92 -7.25 12.19
C ALA A 214 23.17 -8.28 13.02
N GLU A 215 23.51 -8.37 14.31
CA GLU A 215 22.89 -9.37 15.14
C GLU A 215 21.44 -8.96 15.46
N GLN A 216 21.21 -7.68 15.70
CA GLN A 216 19.85 -7.15 15.90
C GLN A 216 18.98 -7.41 14.67
N SER A 217 19.57 -7.19 13.50
CA SER A 217 18.92 -7.45 12.23
CA SER A 217 18.88 -7.44 12.24
C SER A 217 18.51 -8.93 12.11
N ARG A 218 19.45 -9.81 12.47
CA ARG A 218 19.21 -11.24 12.38
C ARG A 218 18.09 -11.68 13.33
N GLN A 219 18.14 -11.23 14.57
CA GLN A 219 17.10 -11.61 15.54
C GLN A 219 15.73 -11.05 15.12
N ARG A 220 15.69 -9.82 14.64
CA ARG A 220 14.40 -9.26 14.22
C ARG A 220 13.84 -10.02 13.01
N THR A 221 14.72 -10.39 12.09
CA THR A 221 14.29 -11.10 10.89
C THR A 221 13.78 -12.50 11.27
N ILE A 222 14.46 -13.16 12.19
CA ILE A 222 13.97 -14.44 12.71
C ILE A 222 12.57 -14.30 13.30
N GLU A 223 12.39 -13.31 14.18
CA GLU A 223 11.10 -13.12 14.87
C GLU A 223 9.96 -12.69 13.93
N ARG A 224 10.25 -11.75 13.03
CA ARG A 224 9.16 -11.13 12.27
C ARG A 224 8.98 -11.64 10.85
N ARG A 225 10.07 -12.12 10.24
CA ARG A 225 10.03 -12.51 8.84
C ARG A 225 10.90 -13.74 8.58
N PRO A 226 10.58 -14.86 9.25
CA PRO A 226 11.42 -16.05 9.12
C PRO A 226 11.53 -16.52 7.66
N ASP A 227 10.53 -16.16 6.84
CA ASP A 227 10.53 -16.50 5.42
C ASP A 227 11.76 -15.98 4.67
N LEU A 228 12.37 -14.92 5.18
CA LEU A 228 13.54 -14.32 4.52
C LEU A 228 14.87 -15.07 4.80
N LEU A 229 14.83 -16.12 5.62
CA LEU A 229 16.08 -16.79 6.00
C LEU A 229 16.24 -18.19 5.43
N SER B 2 -19.51 1.06 15.76
CA SER B 2 -18.62 2.10 15.28
C SER B 2 -17.15 1.74 15.50
N MET B 3 -16.27 2.40 14.76
CA MET B 3 -14.83 2.24 14.94
C MET B 3 -14.20 3.62 14.93
N LYS B 4 -13.15 3.81 15.70
CA LYS B 4 -12.43 5.07 15.69
C LYS B 4 -11.01 4.85 15.16
N ILE B 5 -10.63 5.61 14.14
CA ILE B 5 -9.26 5.53 13.65
C ILE B 5 -8.55 6.87 13.79
N ASP B 6 -7.49 6.89 14.59
CA ASP B 6 -6.63 8.07 14.69
C ASP B 6 -5.34 7.84 13.93
N VAL B 7 -4.95 8.81 13.11
CA VAL B 7 -3.71 8.74 12.34
C VAL B 7 -2.82 9.90 12.74
N VAL B 8 -1.57 9.60 13.06
CA VAL B 8 -0.67 10.64 13.54
C VAL B 8 0.49 10.75 12.56
N THR B 9 0.74 11.95 12.08
CA THR B 9 1.62 12.15 10.94
C THR B 9 2.15 13.58 10.93
N ILE B 10 3.29 13.81 10.29
CA ILE B 10 3.72 15.18 10.04
C ILE B 10 3.22 15.67 8.69
N PHE B 11 2.49 14.82 7.95
CA PHE B 11 1.86 15.23 6.69
C PHE B 11 0.35 15.08 6.78
N PRO B 12 -0.31 15.90 7.61
CA PRO B 12 -1.73 15.72 7.84
C PRO B 12 -2.57 15.93 6.58
N GLU B 13 -2.20 16.89 5.74
CA GLU B 13 -2.98 17.18 4.53
C GLU B 13 -3.05 15.95 3.62
N TYR B 14 -1.94 15.22 3.54
CA TYR B 14 -1.85 14.00 2.75
C TYR B 14 -2.81 12.90 3.22
N LEU B 15 -3.16 12.94 4.50
CA LEU B 15 -3.98 11.91 5.10
C LEU B 15 -5.41 12.37 5.37
N GLN B 16 -5.70 13.62 5.01
CA GLN B 16 -7.06 14.12 5.12
C GLN B 16 -8.00 13.20 4.35
N PRO B 17 -9.00 12.64 5.03
CA PRO B 17 -10.01 11.78 4.40
C PRO B 17 -10.73 12.51 3.26
N VAL B 18 -11.09 11.78 2.21
CA VAL B 18 -11.77 12.34 1.05
C VAL B 18 -13.13 11.67 0.87
N ARG B 19 -14.18 12.48 0.73
CA ARG B 19 -15.57 12.00 0.66
C ARG B 19 -15.76 10.92 -0.41
N GLN B 20 -15.37 11.23 -1.65
CA GLN B 20 -15.45 10.25 -2.73
C GLN B 20 -14.32 9.22 -2.61
N SER B 21 -14.52 8.25 -1.72
CA SER B 21 -13.60 7.14 -1.52
C SER B 21 -14.30 6.11 -0.63
N LEU B 22 -13.76 4.90 -0.54
CA LEU B 22 -14.39 3.90 0.33
C LEU B 22 -14.40 4.39 1.80
N PRO B 23 -13.23 4.85 2.32
CA PRO B 23 -13.26 5.40 3.68
C PRO B 23 -14.19 6.59 3.84
N GLY B 24 -14.30 7.45 2.81
CA GLY B 24 -15.21 8.57 2.86
C GLY B 24 -16.65 8.14 3.01
N LYS B 25 -17.03 7.09 2.26
CA LYS B 25 -18.37 6.52 2.34
C LYS B 25 -18.62 5.92 3.72
N ALA B 26 -17.62 5.20 4.23
CA ALA B 26 -17.69 4.59 5.56
C ALA B 26 -17.94 5.65 6.62
N ILE B 27 -17.18 6.75 6.54
CA ILE B 27 -17.30 7.85 7.47
C ILE B 27 -18.72 8.41 7.42
N ASP B 28 -19.18 8.69 6.20
CA ASP B 28 -20.48 9.32 5.99
C ASP B 28 -21.64 8.46 6.48
N ALA B 29 -21.46 7.14 6.42
CA ALA B 29 -22.46 6.22 6.91
C ALA B 29 -22.35 6.05 8.43
N GLY B 30 -21.43 6.78 9.06
CA GLY B 30 -21.26 6.75 10.50
C GLY B 30 -20.69 5.44 11.03
N LEU B 31 -20.04 4.67 10.18
CA LEU B 31 -19.52 3.36 10.58
C LEU B 31 -18.10 3.48 11.13
N VAL B 32 -17.45 4.59 10.84
CA VAL B 32 -16.12 4.85 11.32
C VAL B 32 -15.94 6.34 11.48
N ASP B 33 -15.12 6.72 12.45
CA ASP B 33 -14.67 8.09 12.56
C ASP B 33 -13.16 8.09 12.36
N VAL B 34 -12.68 8.84 11.36
CA VAL B 34 -11.24 8.95 11.10
C VAL B 34 -10.75 10.35 11.44
N ALA B 35 -9.85 10.45 12.41
CA ALA B 35 -9.28 11.73 12.79
C ALA B 35 -7.79 11.74 12.49
N VAL B 36 -7.31 12.84 11.92
CA VAL B 36 -5.90 12.97 11.59
C VAL B 36 -5.27 14.04 12.46
N HIS B 37 -4.08 13.74 12.97
CA HIS B 37 -3.39 14.65 13.90
C HIS B 37 -2.00 15.01 13.41
N ASP B 38 -1.69 16.30 13.43
CA ASP B 38 -0.34 16.76 13.13
C ASP B 38 0.57 16.48 14.33
N LEU B 39 1.56 15.61 14.14
CA LEU B 39 2.55 15.29 15.19
C LEU B 39 3.17 16.54 15.82
N ARG B 40 3.39 17.57 15.00
CA ARG B 40 4.05 18.79 15.46
C ARG B 40 3.26 19.53 16.53
N ARG B 41 2.01 19.16 16.73
CA ARG B 41 1.18 19.76 17.76
C ARG B 41 1.76 19.48 19.16
N TRP B 42 2.54 18.40 19.27
CA TRP B 42 3.09 18.04 20.57
C TRP B 42 4.58 18.40 20.70
N THR B 43 5.06 19.26 19.83
CA THR B 43 6.41 19.80 20.01
C THR B 43 6.35 21.04 20.89
N HIS B 44 7.49 21.42 21.46
CA HIS B 44 7.55 22.59 22.34
C HIS B 44 8.62 23.58 21.92
N ASP B 45 9.55 23.14 21.08
CA ASP B 45 10.62 24.01 20.62
C ASP B 45 10.14 24.95 19.52
N VAL B 46 10.93 25.96 19.22
CA VAL B 46 10.56 26.98 18.26
C VAL B 46 10.50 26.48 16.81
N HIS B 47 11.42 25.61 16.43
CA HIS B 47 11.45 25.10 15.05
C HIS B 47 10.73 23.75 14.91
N LYS B 48 9.86 23.45 15.88
CA LYS B 48 9.05 22.22 15.96
C LYS B 48 9.73 20.95 15.43
N SER B 49 10.88 20.62 16.01
CA SER B 49 11.69 19.49 15.55
C SER B 49 11.06 18.13 15.93
N VAL B 50 10.95 17.23 14.96
CA VAL B 50 10.43 15.90 15.27
C VAL B 50 11.49 14.80 15.09
N ASP B 51 12.67 15.14 14.58
CA ASP B 51 13.68 14.10 14.41
C ASP B 51 15.09 14.58 14.71
N ASP B 52 16.01 13.63 14.76
CA ASP B 52 17.36 13.89 15.25
C ASP B 52 18.28 12.83 14.64
N SER B 53 19.58 13.10 14.62
CA SER B 53 20.54 12.13 14.09
C SER B 53 20.53 10.84 14.89
N PRO B 54 20.79 9.70 14.23
CA PRO B 54 20.76 8.42 14.95
C PRO B 54 21.99 8.19 15.82
N TYR B 55 21.75 7.66 17.02
CA TYR B 55 22.86 7.15 17.82
C TYR B 55 23.52 6.01 17.07
N GLY B 56 24.84 5.97 17.06
CA GLY B 56 25.52 4.88 16.44
C GLY B 56 25.90 5.15 15.00
N GLY B 57 25.36 6.24 14.45
CA GLY B 57 25.70 6.64 13.10
C GLY B 57 24.69 6.07 12.13
N GLY B 58 24.86 6.39 10.86
CA GLY B 58 23.96 5.90 9.84
C GLY B 58 23.34 7.07 9.09
N PRO B 59 22.73 6.77 7.94
CA PRO B 59 22.08 7.80 7.13
C PRO B 59 20.71 8.15 7.68
N GLY B 60 20.24 9.34 7.40
CA GLY B 60 18.87 9.69 7.73
C GLY B 60 18.74 10.22 9.14
N MET B 61 17.50 10.28 9.60
CA MET B 61 17.20 10.83 10.89
C MET B 61 16.25 9.85 11.53
N VAL B 62 16.17 9.93 12.85
CA VAL B 62 15.27 9.09 13.62
C VAL B 62 14.29 10.01 14.34
N MET B 63 13.01 9.65 14.36
CA MET B 63 12.01 10.49 15.00
C MET B 63 12.18 10.44 16.51
N LYS B 64 12.13 11.60 17.13
CA LYS B 64 12.37 11.73 18.58
C LYS B 64 11.32 11.03 19.41
N PRO B 65 11.75 10.33 20.48
CA PRO B 65 10.80 9.62 21.34
C PRO B 65 9.90 10.55 22.15
N THR B 66 10.42 11.71 22.55
CA THR B 66 9.68 12.63 23.43
C THR B 66 8.37 13.09 22.80
N VAL B 67 8.43 13.55 21.56
CA VAL B 67 7.25 14.05 20.86
C VAL B 67 6.21 12.96 20.63
N TRP B 68 6.66 11.79 20.21
CA TRP B 68 5.75 10.68 19.97
C TRP B 68 5.13 10.24 21.27
N GLY B 69 5.96 10.16 22.31
CA GLY B 69 5.48 9.82 23.64
C GLY B 69 4.33 10.72 24.07
N ASP B 70 4.50 12.02 23.91
CA ASP B 70 3.45 12.95 24.32
C ASP B 70 2.20 12.79 23.47
N ALA B 71 2.37 12.62 22.16
CA ALA B 71 1.21 12.42 21.28
C ALA B 71 0.43 11.17 21.66
N LEU B 72 1.10 10.04 21.82
CA LEU B 72 0.42 8.77 22.05
C LEU B 72 -0.19 8.70 23.45
N ASP B 73 0.42 9.38 24.42
CA ASP B 73 -0.16 9.57 25.75
C ASP B 73 -1.58 10.14 25.68
N GLU B 74 -1.75 11.15 24.84
CA GLU B 74 -3.03 11.86 24.73
C GLU B 74 -4.05 11.09 23.89
N ILE B 75 -3.58 10.38 22.87
CA ILE B 75 -4.47 9.75 21.90
C ILE B 75 -4.84 8.30 22.28
N CYS B 76 -3.90 7.56 22.86
CA CYS B 76 -4.14 6.15 23.13
C CYS B 76 -4.69 5.87 24.52
N THR B 77 -5.42 4.77 24.63
CA THR B 77 -5.82 4.20 25.90
C THR B 77 -5.33 2.76 25.93
N SER B 78 -5.59 2.06 27.02
CA SER B 78 -5.14 0.67 27.13
C SER B 78 -5.86 -0.26 26.14
N GLU B 79 -6.98 0.19 25.59
CA GLU B 79 -7.77 -0.60 24.66
C GLU B 79 -7.35 -0.38 23.20
N THR B 80 -6.53 0.65 22.99
CA THR B 80 -6.05 1.03 21.66
C THR B 80 -5.21 -0.08 21.04
N LEU B 81 -5.40 -0.33 19.74
CA LEU B 81 -4.46 -1.13 18.98
C LEU B 81 -3.58 -0.16 18.20
N LEU B 82 -2.31 -0.06 18.60
CA LEU B 82 -1.35 0.86 17.98
C LEU B 82 -0.70 0.21 16.80
N VAL B 83 -0.92 0.79 15.62
CA VAL B 83 -0.36 0.30 14.37
C VAL B 83 0.78 1.18 13.90
N VAL B 84 1.94 0.59 13.64
CA VAL B 84 3.10 1.34 13.18
C VAL B 84 3.62 0.74 11.87
N PRO B 85 3.30 1.38 10.74
CA PRO B 85 3.83 0.88 9.46
C PRO B 85 5.35 1.00 9.40
N THR B 86 6.12 0.12 8.91
CA THR B 86 7.58 -0.07 8.83
C THR B 86 7.86 -1.29 7.98
N PRO B 87 8.93 -1.02 7.10
CA PRO B 87 9.51 -2.09 6.28
C PRO B 87 9.98 -3.27 7.12
N ALA B 88 10.26 -3.00 8.39
CA ALA B 88 10.77 -4.03 9.31
C ALA B 88 9.68 -4.74 10.08
N GLY B 89 8.41 -4.48 9.77
CA GLY B 89 7.34 -5.00 10.59
C GLY B 89 6.94 -6.43 10.25
N TYR B 90 6.09 -7.02 11.09
CA TYR B 90 5.40 -8.25 10.73
C TYR B 90 4.55 -8.03 9.47
N PRO B 91 4.36 -9.06 8.63
CA PRO B 91 3.51 -8.86 7.45
C PRO B 91 2.07 -8.48 7.79
N PHE B 92 1.58 -7.43 7.14
CA PHE B 92 0.15 -7.10 7.15
C PHE B 92 -0.53 -7.89 6.02
N THR B 93 -1.46 -8.76 6.36
CA THR B 93 -2.09 -9.63 5.39
C THR B 93 -3.61 -9.51 5.45
N GLN B 94 -4.31 -10.23 4.58
CA GLN B 94 -5.77 -10.24 4.59
C GLN B 94 -6.28 -10.71 5.95
N GLU B 95 -5.60 -11.68 6.54
CA GLU B 95 -5.98 -12.15 7.87
C GLU B 95 -5.92 -11.00 8.87
N THR B 96 -4.85 -10.22 8.82
CA THR B 96 -4.71 -9.06 9.71
C THR B 96 -5.86 -8.08 9.51
N ALA B 97 -6.21 -7.83 8.25
CA ALA B 97 -7.32 -6.93 7.94
C ALA B 97 -8.63 -7.41 8.58
N TRP B 98 -8.91 -8.71 8.45
CA TRP B 98 -10.11 -9.27 9.06
C TRP B 98 -10.08 -9.08 10.56
N GLN B 99 -8.91 -9.28 11.14
CA GLN B 99 -8.79 -9.15 12.59
C GLN B 99 -9.04 -7.71 13.05
N TRP B 100 -8.39 -6.76 12.40
CA TRP B 100 -8.48 -5.36 12.82
C TRP B 100 -9.85 -4.76 12.51
N SER B 101 -10.62 -5.43 11.66
CA SER B 101 -11.94 -4.92 11.28
C SER B 101 -12.91 -4.97 12.47
N THR B 102 -12.55 -5.69 13.53
CA THR B 102 -13.43 -5.80 14.69
C THR B 102 -12.96 -4.95 15.86
N GLU B 103 -11.86 -4.22 15.67
CA GLU B 103 -11.28 -3.35 16.71
C GLU B 103 -12.08 -2.07 16.93
N ASP B 104 -12.18 -1.65 18.18
CA ASP B 104 -12.87 -0.41 18.53
C ASP B 104 -12.07 0.85 18.21
N HIS B 105 -10.75 0.75 18.36
CA HIS B 105 -9.89 1.92 18.25
C HIS B 105 -8.52 1.56 17.70
N LEU B 106 -8.26 1.97 16.46
CA LEU B 106 -6.93 1.85 15.86
C LEU B 106 -6.24 3.21 15.88
N VAL B 107 -4.98 3.21 16.28
CA VAL B 107 -4.16 4.42 16.15
C VAL B 107 -2.99 4.11 15.24
N ILE B 108 -2.86 4.87 14.16
CA ILE B 108 -1.80 4.58 13.19
C ILE B 108 -0.72 5.63 13.27
N ALA B 109 0.47 5.20 13.69
CA ALA B 109 1.58 6.11 13.88
C ALA B 109 2.44 6.13 12.63
N CYS B 110 2.37 7.23 11.88
CA CYS B 110 3.13 7.37 10.64
C CYS B 110 4.48 8.02 10.87
N GLY B 111 5.55 7.31 10.56
CA GLY B 111 6.87 7.83 10.79
C GLY B 111 7.74 7.51 9.60
N ARG B 112 8.85 8.24 9.47
CA ARG B 112 9.80 7.97 8.40
C ARG B 112 10.39 6.55 8.49
N TYR B 113 10.78 5.99 7.34
CA TYR B 113 11.19 4.58 7.29
C TYR B 113 12.44 4.27 8.11
N GLU B 114 13.32 5.26 8.35
CA GLU B 114 14.51 5.04 9.21
C GLU B 114 14.07 4.67 10.60
N GLY B 115 12.83 5.04 10.92
CA GLY B 115 12.22 4.63 12.15
C GLY B 115 11.90 5.74 13.13
N ILE B 116 10.91 5.43 13.93
CA ILE B 116 10.67 6.09 15.19
C ILE B 116 11.61 5.39 16.17
N ASP B 117 12.27 6.17 17.03
CA ASP B 117 13.06 5.63 18.13
C ASP B 117 12.33 4.42 18.76
N GLN B 118 13.01 3.27 18.83
CA GLN B 118 12.35 2.01 19.23
C GLN B 118 11.69 2.07 20.60
N ARG B 119 12.16 2.99 21.44
CA ARG B 119 11.63 3.08 22.79
C ARG B 119 10.17 3.54 22.80
N VAL B 120 9.72 4.18 21.73
CA VAL B 120 8.31 4.58 21.67
C VAL B 120 7.41 3.35 21.66
N ALA B 121 7.67 2.45 20.72
CA ALA B 121 6.85 1.24 20.60
C ALA B 121 7.02 0.36 21.83
N ASP B 122 8.23 0.30 22.37
CA ASP B 122 8.47 -0.51 23.57
C ASP B 122 7.70 0.03 24.78
N ASP B 123 7.76 1.34 24.96
CA ASP B 123 6.99 2.00 26.02
C ASP B 123 5.48 1.80 25.82
N ALA B 124 5.00 2.00 24.61
CA ALA B 124 3.56 1.85 24.35
C ALA B 124 3.08 0.44 24.70
N ALA B 125 3.92 -0.54 24.36
CA ALA B 125 3.62 -1.96 24.56
C ALA B 125 3.39 -2.33 26.01
N THR B 126 3.81 -1.47 26.93
CA THR B 126 3.58 -1.71 28.36
C THR B 126 2.16 -1.30 28.78
N ARG B 127 1.45 -0.62 27.88
CA ARG B 127 0.10 -0.11 28.19
C ARG B 127 -0.94 -0.64 27.23
N MET B 128 -0.54 -0.90 25.99
CA MET B 128 -1.50 -1.27 24.96
C MET B 128 -0.93 -2.32 24.04
N ARG B 129 -1.76 -2.85 23.14
CA ARG B 129 -1.27 -3.77 22.12
C ARG B 129 -0.63 -2.95 20.99
N VAL B 130 0.54 -3.39 20.55
CA VAL B 130 1.29 -2.66 19.54
C VAL B 130 1.60 -3.59 18.39
N ARG B 131 1.32 -3.15 17.16
CA ARG B 131 1.61 -3.96 16.00
C ARG B 131 2.44 -3.21 14.96
N GLU B 132 3.74 -3.51 14.89
CA GLU B 132 4.58 -2.96 13.83
C GLU B 132 4.45 -3.87 12.62
N VAL B 133 4.01 -3.31 11.49
CA VAL B 133 3.67 -4.14 10.34
C VAL B 133 4.17 -3.54 9.03
N SER B 134 4.50 -4.41 8.07
CA SER B 134 4.84 -4.00 6.73
CA SER B 134 4.85 -4.00 6.72
C SER B 134 3.76 -4.41 5.74
N ILE B 135 3.35 -3.52 4.85
CA ILE B 135 2.36 -3.88 3.85
C ILE B 135 3.01 -4.54 2.62
N GLY B 136 4.34 -4.60 2.60
CA GLY B 136 5.01 -5.18 1.45
C GLY B 136 6.50 -4.94 1.46
N ASP B 137 7.23 -5.63 0.60
CA ASP B 137 8.69 -5.56 0.63
C ASP B 137 9.21 -4.48 -0.32
N TYR B 138 8.95 -3.23 0.05
CA TYR B 138 9.41 -2.05 -0.66
C TYR B 138 9.52 -0.93 0.36
N VAL B 139 10.31 0.08 0.05
CA VAL B 139 10.52 1.15 1.00
C VAL B 139 9.79 2.40 0.53
N LEU B 140 9.08 3.03 1.46
CA LEU B 140 8.47 4.34 1.23
C LEU B 140 9.22 5.33 2.11
N ASN B 141 9.11 6.63 1.83
CA ASN B 141 9.77 7.59 2.71
C ASN B 141 9.20 7.57 4.10
N GLY B 142 7.91 7.32 4.21
CA GLY B 142 7.27 7.23 5.50
C GLY B 142 6.02 6.38 5.50
N GLY B 143 5.40 6.21 6.66
CA GLY B 143 4.26 5.33 6.81
C GLY B 143 2.94 5.80 6.22
N GLU B 144 2.91 7.01 5.65
CA GLU B 144 1.62 7.60 5.28
C GLU B 144 0.84 6.82 4.22
N ALA B 145 1.48 6.45 3.12
CA ALA B 145 0.78 5.71 2.07
C ALA B 145 0.37 4.34 2.59
N ALA B 146 1.21 3.76 3.43
CA ALA B 146 0.90 2.45 4.01
C ALA B 146 -0.31 2.54 4.93
N ALA B 147 -0.44 3.67 5.63
CA ALA B 147 -1.63 3.89 6.47
C ALA B 147 -2.90 3.93 5.61
N LEU B 148 -2.85 4.57 4.45
CA LEU B 148 -4.03 4.63 3.58
C LEU B 148 -4.41 3.23 3.10
N VAL B 149 -3.41 2.42 2.74
CA VAL B 149 -3.65 1.05 2.34
C VAL B 149 -4.30 0.26 3.46
N ILE B 150 -3.75 0.38 4.66
CA ILE B 150 -4.30 -0.36 5.81
C ILE B 150 -5.74 0.06 6.09
N ILE B 151 -6.02 1.36 6.02
CA ILE B 151 -7.38 1.83 6.27
C ILE B 151 -8.35 1.26 5.22
N GLU B 152 -7.94 1.28 3.95
CA GLU B 152 -8.74 0.72 2.87
C GLU B 152 -9.03 -0.76 3.11
N ALA B 153 -7.98 -1.52 3.44
CA ALA B 153 -8.12 -2.96 3.53
C ALA B 153 -9.04 -3.34 4.69
N VAL B 154 -8.95 -2.57 5.76
CA VAL B 154 -9.70 -2.86 6.99
C VAL B 154 -11.14 -2.38 6.88
N LEU B 155 -11.34 -1.18 6.35
CA LEU B 155 -12.70 -0.59 6.43
C LEU B 155 -13.71 -1.31 5.56
N ARG B 156 -13.25 -1.90 4.45
CA ARG B 156 -14.17 -2.63 3.57
C ARG B 156 -14.66 -3.93 4.22
N LEU B 157 -14.05 -4.33 5.32
CA LEU B 157 -14.46 -5.55 6.00
C LEU B 157 -15.40 -5.29 7.18
N VAL B 158 -15.48 -4.05 7.64
CA VAL B 158 -16.34 -3.73 8.79
C VAL B 158 -17.80 -4.05 8.48
N PRO B 159 -18.51 -4.70 9.43
CA PRO B 159 -19.90 -5.04 9.13
C PRO B 159 -20.71 -3.77 8.87
N GLY B 160 -21.49 -3.77 7.79
CA GLY B 160 -22.21 -2.56 7.43
C GLY B 160 -21.64 -1.82 6.24
N VAL B 161 -20.31 -1.87 6.07
CA VAL B 161 -19.69 -1.21 4.91
C VAL B 161 -19.89 -2.08 3.67
N MET B 177 -9.31 -12.16 -0.14
CA MET B 177 -8.15 -12.88 -0.63
C MET B 177 -8.09 -14.27 0.00
N ALA B 178 -8.43 -15.29 -0.77
CA ALA B 178 -8.56 -16.66 -0.28
C ALA B 178 -7.21 -17.31 -0.01
N SER B 179 -6.72 -18.03 -0.99
CA SER B 179 -5.35 -18.57 -0.98
C SER B 179 -4.91 -18.85 -2.41
N LEU B 180 -5.71 -18.36 -3.37
CA LEU B 180 -5.37 -18.42 -4.80
C LEU B 180 -5.58 -17.07 -5.47
N LEU B 181 -5.05 -16.92 -6.68
CA LEU B 181 -5.26 -15.69 -7.43
C LEU B 181 -6.53 -15.81 -8.26
N GLU B 182 -7.32 -14.76 -8.32
CA GLU B 182 -8.49 -14.77 -9.17
C GLU B 182 -8.08 -14.67 -10.64
N GLY B 183 -8.75 -15.45 -11.48
CA GLY B 183 -8.41 -15.51 -12.88
C GLY B 183 -9.02 -14.33 -13.60
N PRO B 184 -8.89 -14.29 -14.94
CA PRO B 184 -9.41 -13.15 -15.71
C PRO B 184 -10.92 -13.02 -15.65
N SER B 185 -11.41 -11.80 -15.80
CA SER B 185 -12.83 -11.51 -15.80
CA SER B 185 -12.84 -11.57 -15.83
C SER B 185 -13.19 -10.73 -17.05
N TYR B 186 -14.44 -10.83 -17.47
CA TYR B 186 -14.89 -10.22 -18.72
C TYR B 186 -16.29 -9.63 -18.57
N THR B 187 -16.61 -8.65 -19.39
CA THR B 187 -17.97 -8.15 -19.44
C THR B 187 -18.26 -7.72 -20.88
N ARG B 188 -19.44 -7.17 -21.11
CA ARG B 188 -19.89 -6.88 -22.47
C ARG B 188 -19.04 -5.81 -23.14
N PRO B 189 -18.93 -5.85 -24.49
CA PRO B 189 -19.54 -6.80 -25.43
C PRO B 189 -18.76 -8.11 -25.56
N PRO B 190 -19.39 -9.16 -26.11
CA PRO B 190 -18.77 -10.49 -26.14
C PRO B 190 -17.63 -10.58 -27.16
N SER B 191 -17.58 -9.64 -28.09
CA SER B 191 -16.43 -9.52 -28.98
C SER B 191 -15.94 -8.08 -29.00
N TRP B 192 -14.64 -7.87 -28.95
CA TRP B 192 -14.10 -6.51 -28.92
C TRP B 192 -12.71 -6.46 -29.52
N ARG B 193 -12.55 -5.63 -30.55
CA ARG B 193 -11.29 -5.51 -31.28
C ARG B 193 -10.76 -6.86 -31.75
N GLY B 194 -11.67 -7.75 -32.13
CA GLY B 194 -11.25 -9.07 -32.59
C GLY B 194 -10.88 -10.05 -31.49
N MET B 195 -11.16 -9.67 -30.24
CA MET B 195 -10.93 -10.56 -29.10
C MET B 195 -12.26 -10.96 -28.46
N ASP B 196 -12.47 -12.28 -28.37
CA ASP B 196 -13.72 -12.85 -27.88
C ASP B 196 -13.66 -13.28 -26.41
N VAL B 197 -14.75 -13.04 -25.69
CA VAL B 197 -14.90 -13.61 -24.35
C VAL B 197 -14.93 -15.14 -24.46
N PRO B 198 -14.22 -15.86 -23.57
CA PRO B 198 -14.26 -17.33 -23.52
C PRO B 198 -15.69 -17.88 -23.62
N PRO B 199 -15.98 -18.68 -24.66
CA PRO B 199 -17.33 -19.17 -24.92
C PRO B 199 -17.98 -19.88 -23.72
N VAL B 200 -17.18 -20.51 -22.85
CA VAL B 200 -17.78 -21.18 -21.70
C VAL B 200 -18.50 -20.16 -20.80
N LEU B 201 -17.96 -18.94 -20.72
CA LEU B 201 -18.55 -17.92 -19.87
C LEU B 201 -19.89 -17.43 -20.43
N LEU B 202 -20.09 -17.65 -21.72
CA LEU B 202 -21.36 -17.35 -22.35
C LEU B 202 -22.31 -18.53 -22.39
N SER B 203 -21.86 -19.70 -21.92
CA SER B 203 -22.60 -20.95 -22.12
C SER B 203 -23.76 -21.16 -21.13
N GLY B 204 -23.80 -20.38 -20.06
CA GLY B 204 -24.82 -20.55 -19.05
C GLY B 204 -24.67 -21.78 -18.16
N ASP B 205 -23.61 -22.55 -18.37
CA ASP B 205 -23.39 -23.82 -17.64
C ASP B 205 -22.55 -23.59 -16.39
N HIS B 206 -23.20 -23.35 -15.26
CA HIS B 206 -22.54 -22.94 -14.03
C HIS B 206 -21.43 -23.88 -13.60
N ALA B 207 -21.62 -25.18 -13.81
CA ALA B 207 -20.63 -26.17 -13.41
C ALA B 207 -19.37 -26.05 -14.27
N LYS B 208 -19.54 -25.93 -15.59
CA LYS B 208 -18.38 -25.83 -16.46
C LYS B 208 -17.69 -24.46 -16.34
N ILE B 209 -18.47 -23.42 -16.05
CA ILE B 209 -17.93 -22.09 -15.76
C ILE B 209 -17.11 -22.12 -14.48
N ALA B 210 -17.66 -22.75 -13.44
CA ALA B 210 -16.92 -22.89 -12.17
C ALA B 210 -15.62 -23.67 -12.37
N ALA B 211 -15.68 -24.75 -13.14
CA ALA B 211 -14.51 -25.54 -13.46
C ALA B 211 -13.48 -24.72 -14.24
N TRP B 212 -13.95 -23.95 -15.21
CA TRP B 212 -13.05 -23.14 -16.02
C TRP B 212 -12.35 -22.07 -15.18
N ARG B 213 -13.12 -21.43 -14.31
CA ARG B 213 -12.59 -20.37 -13.46
C ARG B 213 -11.63 -20.91 -12.42
N ALA B 214 -11.91 -22.11 -11.92
CA ALA B 214 -10.99 -22.79 -11.00
C ALA B 214 -9.67 -23.03 -11.68
N GLU B 215 -9.71 -23.59 -12.88
CA GLU B 215 -8.50 -23.84 -13.67
C GLU B 215 -7.72 -22.57 -13.98
N GLN B 216 -8.42 -21.55 -14.47
CA GLN B 216 -7.77 -20.27 -14.76
C GLN B 216 -7.05 -19.73 -13.53
N SER B 217 -7.70 -19.82 -12.38
CA SER B 217 -7.14 -19.36 -11.11
CA SER B 217 -7.13 -19.35 -11.13
C SER B 217 -5.84 -20.08 -10.78
N ARG B 218 -5.88 -21.41 -10.90
CA ARG B 218 -4.70 -22.20 -10.59
C ARG B 218 -3.58 -21.93 -11.61
N GLN B 219 -3.96 -21.79 -12.87
CA GLN B 219 -3.01 -21.48 -13.93
C GLN B 219 -2.32 -20.12 -13.70
N ARG B 220 -3.11 -19.12 -13.30
CA ARG B 220 -2.56 -17.81 -13.00
C ARG B 220 -1.68 -17.84 -11.74
N THR B 221 -2.09 -18.61 -10.74
CA THR B 221 -1.33 -18.65 -9.50
C THR B 221 0.04 -19.30 -9.70
N ILE B 222 0.07 -20.42 -10.43
CA ILE B 222 1.33 -21.08 -10.77
C ILE B 222 2.30 -20.13 -11.47
N GLU B 223 1.78 -19.30 -12.35
CA GLU B 223 2.60 -18.40 -13.14
C GLU B 223 3.08 -17.16 -12.38
N ARG B 224 2.19 -16.55 -11.59
CA ARG B 224 2.49 -15.27 -10.95
C ARG B 224 2.89 -15.39 -9.48
N ARG B 225 2.35 -16.40 -8.78
CA ARG B 225 2.58 -16.56 -7.35
C ARG B 225 2.74 -18.02 -6.96
N PRO B 226 3.78 -18.68 -7.50
CA PRO B 226 3.96 -20.11 -7.23
C PRO B 226 4.14 -20.40 -5.74
N ASP B 227 4.57 -19.38 -4.99
CA ASP B 227 4.73 -19.53 -3.55
C ASP B 227 3.38 -19.86 -2.88
N LEU B 228 2.28 -19.36 -3.43
CA LEU B 228 0.99 -19.57 -2.77
C LEU B 228 0.60 -21.05 -2.83
N LEU B 229 1.16 -21.78 -3.80
CA LEU B 229 0.87 -23.20 -3.96
C LEU B 229 1.99 -24.05 -3.40
N GLY B 230 2.93 -23.43 -2.71
CA GLY B 230 3.97 -24.17 -2.03
C GLY B 230 5.17 -24.50 -2.90
N PHE B 231 5.42 -23.68 -3.92
CA PHE B 231 6.55 -23.90 -4.81
C PHE B 231 7.58 -22.77 -4.67
N ASP B 232 8.78 -23.00 -5.19
CA ASP B 232 9.83 -21.99 -5.15
C ASP B 232 9.38 -20.73 -5.91
N SER B 233 9.67 -19.57 -5.36
CA SER B 233 9.15 -18.30 -5.89
C SER B 233 9.94 -17.78 -7.09
N01 JAB C . -3.24 -6.01 -3.49
C02 JAB C . -3.61 -5.04 -4.47
S03 JAB C . -2.47 -4.27 -5.43
C04 JAB C . -5.05 -4.70 -4.63
C05 JAB C . -5.56 -3.78 -5.52
C06 JAB C . -6.95 -3.78 -5.35
N07 JAB C . -7.24 -4.67 -4.38
O08 JAB C . -6.07 -5.26 -3.94
N01 JAB D . 6.71 -1.23 3.60
C02 JAB D . 6.26 -0.26 4.54
S03 JAB D . 4.95 -0.56 5.52
C04 JAB D . 7.00 1.05 4.66
C05 JAB D . 6.69 2.08 5.55
C06 JAB D . 7.61 3.09 5.35
N07 JAB D . 8.45 2.68 4.37
O08 JAB D . 8.08 1.42 3.94
S SO4 E . -0.16 -8.50 22.78
O1 SO4 E . 0.40 -7.30 22.15
O2 SO4 E . -0.29 -8.27 24.22
O3 SO4 E . 0.72 -9.64 22.53
O4 SO4 E . -1.48 -8.78 22.21
#